data_8R36
#
_entry.id   8R36
#
_cell.length_a   71.485
_cell.length_b   71.485
_cell.length_c   232.902
_cell.angle_alpha   90.00
_cell.angle_beta   90.00
_cell.angle_gamma   90.00
#
_symmetry.space_group_name_H-M   'P 41 21 2'
#
loop_
_entity.id
_entity.type
_entity.pdbx_description
1 polymer 'Glutamate receptor ionotropic, kainate 1'
2 non-polymer 3-(CARBOXYMETHYL)-4-ISOPROPENYLPROLINE
3 non-polymer 'SULFATE ION'
4 non-polymer 'CHLORIDE ION'
5 non-polymer GLYCEROL
6 non-polymer '4-cyclopropyl-7-(3-methoxyphenoxy)-2,3-dihydro-1$l^{6},2,4-benzothiadiazine 1,1-dioxide'
7 water water
#
_entity_poly.entity_id   1
_entity_poly.type   'polypeptide(L)'
_entity_poly.pdbx_seq_one_letter_code
;GANRTLIVTTILEEPYVMYRKSDKPLYGNDRFEGYCLDLLKELSNILGFLYDVKLVPDGKYGAQNDKGEWNGMVKELIDH
RADLAVAPLTITYVREKVIDFSKPFMTLGISILYRKGTPIDSADDLAKQTKIEYGAVRDGSTMTFFKKSKISTYEKMWAF
MSSRQQSALVKNSDEGIQRVLTTDYALLMESTSIEYVTQRNCNLTQIGGLIDSKGYGVGTPIGSPYRDKITIAILQLQEE
GKLHMMKEKWWRGNGCP
;
_entity_poly.pdbx_strand_id   A,B
#
loop_
_chem_comp.id
_chem_comp.type
_chem_comp.name
_chem_comp.formula
9TE non-polymer '4-cyclopropyl-7-(3-methoxyphenoxy)-2,3-dihydro-1$l^{6},2,4-benzothiadiazine 1,1-dioxide' 'C17 H18 N2 O4 S'
CL non-polymer 'CHLORIDE ION' 'Cl -1'
GOL non-polymer GLYCEROL 'C3 H8 O3'
KAI non-polymer 3-(CARBOXYMETHYL)-4-ISOPROPENYLPROLINE 'C10 H15 N O4'
SO4 non-polymer 'SULFATE ION' 'O4 S -2'
#
# COMPACT_ATOMS: atom_id res chain seq x y z
N ASN A 3 -33.97 -7.54 8.69
CA ASN A 3 -33.09 -6.39 8.54
C ASN A 3 -32.16 -6.57 7.33
N ARG A 4 -31.77 -5.45 6.71
CA ARG A 4 -30.85 -5.50 5.58
C ARG A 4 -29.57 -6.21 5.99
N THR A 5 -29.24 -7.29 5.29
CA THR A 5 -28.08 -8.10 5.64
C THR A 5 -27.27 -8.30 4.38
N LEU A 6 -26.03 -7.84 4.40
CA LEU A 6 -25.15 -8.04 3.26
C LEU A 6 -24.63 -9.47 3.20
N ILE A 7 -24.54 -10.01 2.00
CA ILE A 7 -23.90 -11.30 1.75
C ILE A 7 -22.41 -11.03 1.51
N VAL A 8 -21.56 -11.65 2.32
CA VAL A 8 -20.11 -11.50 2.24
C VAL A 8 -19.55 -12.83 1.76
N THR A 9 -19.01 -12.84 0.54
CA THR A 9 -18.33 -14.03 0.03
C THR A 9 -16.89 -14.02 0.57
N THR A 10 -16.39 -15.20 0.90
CA THR A 10 -15.04 -15.33 1.43
C THR A 10 -14.57 -16.75 1.14
N ILE A 11 -13.39 -17.09 1.65
CA ILE A 11 -12.72 -18.34 1.31
C ILE A 11 -11.89 -18.76 2.52
N LEU A 12 -11.78 -20.06 2.73
CA LEU A 12 -10.97 -20.58 3.82
C LEU A 12 -9.50 -20.36 3.51
N GLU A 13 -8.82 -19.61 4.37
CA GLU A 13 -7.39 -19.34 4.18
C GLU A 13 -6.81 -18.87 5.51
N GLU A 14 -5.86 -19.62 6.05
CA GLU A 14 -5.23 -19.24 7.32
CA GLU A 14 -5.25 -19.24 7.32
C GLU A 14 -4.36 -18.01 7.13
N PRO A 15 -4.42 -17.03 8.05
CA PRO A 15 -5.26 -16.91 9.25
C PRO A 15 -6.43 -15.94 9.01
N TYR A 16 -6.83 -15.76 7.75
CA TYR A 16 -7.90 -14.84 7.41
C TYR A 16 -9.27 -15.39 7.75
N VAL A 17 -9.56 -16.63 7.32
CA VAL A 17 -10.85 -17.27 7.59
C VAL A 17 -10.59 -18.75 7.87
N MET A 18 -11.01 -19.20 9.02
CA MET A 18 -10.80 -20.58 9.44
CA MET A 18 -10.81 -20.59 9.44
C MET A 18 -12.05 -21.06 10.17
N TYR A 19 -12.34 -22.35 10.05
CA TYR A 19 -13.42 -22.95 10.82
C TYR A 19 -13.07 -22.83 12.30
N ARG A 20 -14.03 -22.37 13.10
CA ARG A 20 -13.86 -22.36 14.53
C ARG A 20 -13.95 -23.80 15.06
N LYS A 21 -13.22 -24.07 16.13
CA LYS A 21 -13.23 -25.40 16.73
C LYS A 21 -14.21 -25.42 17.90
N SER A 22 -15.07 -26.44 17.92
CA SER A 22 -16.03 -26.59 18.99
C SER A 22 -16.40 -28.07 19.10
N ASP A 23 -17.08 -28.41 20.19
CA ASP A 23 -17.52 -29.78 20.43
C ASP A 23 -18.89 -30.08 19.84
N LYS A 24 -19.53 -29.09 19.25
CA LYS A 24 -20.86 -29.27 18.66
C LYS A 24 -20.91 -28.61 17.28
N PRO A 25 -21.91 -28.90 16.47
CA PRO A 25 -22.02 -28.24 15.16
C PRO A 25 -22.25 -26.75 15.33
N LEU A 26 -21.58 -25.96 14.49
CA LEU A 26 -21.67 -24.51 14.48
C LEU A 26 -22.48 -24.05 13.27
N TYR A 27 -23.11 -22.90 13.42
CA TYR A 27 -24.02 -22.37 12.42
C TYR A 27 -23.72 -20.90 12.15
N GLY A 28 -24.03 -20.47 10.93
CA GLY A 28 -23.95 -19.07 10.58
C GLY A 28 -22.54 -18.54 10.67
N ASN A 29 -22.44 -17.26 11.07
CA ASN A 29 -21.13 -16.62 11.13
C ASN A 29 -20.25 -17.20 12.22
N ASP A 30 -20.87 -17.82 13.24
CA ASP A 30 -20.12 -18.45 14.32
C ASP A 30 -19.29 -19.65 13.87
N ARG A 31 -19.47 -20.10 12.63
CA ARG A 31 -18.62 -21.16 12.12
C ARG A 31 -17.17 -20.71 11.92
N PHE A 32 -16.94 -19.42 11.82
CA PHE A 32 -15.67 -18.91 11.32
C PHE A 32 -14.99 -18.00 12.34
N GLU A 33 -13.67 -17.94 12.25
CA GLU A 33 -12.88 -16.94 12.95
C GLU A 33 -11.66 -16.62 12.11
N GLY A 34 -11.01 -15.51 12.45
CA GLY A 34 -9.80 -15.11 11.74
C GLY A 34 -9.71 -13.63 11.47
N TYR A 35 -8.59 -13.21 10.88
CA TYR A 35 -8.37 -11.79 10.63
C TYR A 35 -9.55 -11.16 9.91
N CYS A 36 -10.09 -11.85 8.91
CA CYS A 36 -11.14 -11.22 8.10
C CYS A 36 -12.46 -11.13 8.85
N LEU A 37 -12.70 -12.05 9.79
CA LEU A 37 -13.89 -11.92 10.63
C LEU A 37 -13.76 -10.71 11.54
N ASP A 38 -12.57 -10.50 12.13
CA ASP A 38 -12.36 -9.32 12.96
C ASP A 38 -12.54 -8.05 12.13
N LEU A 39 -12.03 -8.05 10.90
CA LEU A 39 -12.17 -6.86 10.04
C LEU A 39 -13.64 -6.58 9.76
N LEU A 40 -14.39 -7.62 9.39
CA LEU A 40 -15.82 -7.46 9.17
C LEU A 40 -16.50 -6.89 10.40
N LYS A 41 -16.14 -7.38 11.59
CA LYS A 41 -16.76 -6.86 12.80
C LYS A 41 -16.47 -5.38 12.96
N GLU A 42 -15.23 -4.96 12.67
CA GLU A 42 -14.90 -3.55 12.80
C GLU A 42 -15.59 -2.72 11.74
N LEU A 43 -15.62 -3.20 10.50
CA LEU A 43 -16.30 -2.46 9.44
C LEU A 43 -17.79 -2.32 9.76
N SER A 44 -18.43 -3.40 10.19
CA SER A 44 -19.86 -3.33 10.51
CA SER A 44 -19.86 -3.33 10.51
C SER A 44 -20.10 -2.36 11.66
N ASN A 45 -19.21 -2.34 12.65
CA ASN A 45 -19.38 -1.43 13.78
C ASN A 45 -19.35 0.02 13.32
N ILE A 46 -18.50 0.35 12.35
CA ILE A 46 -18.40 1.73 11.89
C ILE A 46 -19.57 2.09 10.98
N LEU A 47 -19.94 1.18 10.06
CA LEU A 47 -20.93 1.51 9.03
C LEU A 47 -22.34 1.06 9.38
N GLY A 48 -22.50 0.14 10.33
CA GLY A 48 -23.82 -0.19 10.83
C GLY A 48 -24.60 -1.19 10.02
N PHE A 49 -23.93 -2.06 9.26
CA PHE A 49 -24.63 -3.05 8.46
C PHE A 49 -24.56 -4.42 9.14
N LEU A 50 -25.56 -5.25 8.85
CA LEU A 50 -25.55 -6.65 9.21
C LEU A 50 -25.03 -7.47 8.03
N TYR A 51 -24.55 -8.67 8.32
CA TYR A 51 -23.89 -9.44 7.27
C TYR A 51 -24.00 -10.93 7.55
N ASP A 52 -23.95 -11.70 6.46
CA ASP A 52 -23.98 -13.16 6.52
CA ASP A 52 -23.98 -13.15 6.52
C ASP A 52 -22.82 -13.67 5.69
N VAL A 53 -21.86 -14.33 6.35
CA VAL A 53 -20.66 -14.82 5.67
C VAL A 53 -21.01 -16.10 4.92
N LYS A 54 -20.58 -16.20 3.66
CA LYS A 54 -20.87 -17.38 2.84
C LYS A 54 -19.62 -17.75 2.06
N LEU A 55 -19.16 -18.99 2.22
CA LEU A 55 -17.99 -19.42 1.48
C LEU A 55 -18.29 -19.47 -0.01
N VAL A 56 -17.35 -19.01 -0.82
CA VAL A 56 -17.51 -19.03 -2.27
C VAL A 56 -17.73 -20.47 -2.73
N PRO A 57 -18.78 -20.75 -3.54
CA PRO A 57 -19.11 -22.15 -3.81
C PRO A 57 -18.01 -22.94 -4.50
N ASP A 58 -17.26 -22.33 -5.42
CA ASP A 58 -16.25 -23.11 -6.14
C ASP A 58 -14.88 -23.07 -5.49
N GLY A 59 -14.73 -22.42 -4.34
CA GLY A 59 -13.48 -22.39 -3.62
C GLY A 59 -12.35 -21.64 -4.31
N LYS A 60 -12.65 -20.67 -5.15
CA LYS A 60 -11.63 -19.94 -5.90
C LYS A 60 -11.67 -18.45 -5.62
N TYR A 61 -10.52 -17.80 -5.85
CA TYR A 61 -10.43 -16.35 -5.64
C TYR A 61 -11.03 -15.59 -6.80
N GLY A 62 -10.65 -15.92 -8.02
CA GLY A 62 -11.18 -15.23 -9.19
C GLY A 62 -10.13 -15.05 -10.27
N ALA A 63 -10.31 -15.77 -11.37
CA ALA A 63 -9.42 -15.65 -12.52
C ALA A 63 -10.23 -15.88 -13.78
N GLN A 64 -9.61 -15.53 -14.91
CA GLN A 64 -10.22 -15.62 -16.22
C GLN A 64 -9.78 -16.85 -16.97
N ASN A 65 -10.72 -17.44 -17.71
CA ASN A 65 -10.35 -18.47 -18.67
C ASN A 65 -10.13 -17.82 -20.04
N ASP A 66 -9.89 -18.65 -21.05
CA ASP A 66 -9.58 -18.13 -22.38
C ASP A 66 -10.72 -17.28 -22.95
N LYS A 67 -11.96 -17.61 -22.58
CA LYS A 67 -13.14 -16.91 -23.09
C LYS A 67 -13.51 -15.68 -22.28
N GLY A 68 -12.63 -15.26 -21.37
CA GLY A 68 -12.93 -14.10 -20.55
C GLY A 68 -13.97 -14.32 -19.47
N GLU A 69 -14.28 -15.58 -19.17
CA GLU A 69 -15.25 -15.92 -18.13
C GLU A 69 -14.56 -16.02 -16.78
N TRP A 70 -15.18 -15.46 -15.76
CA TRP A 70 -14.59 -15.38 -14.43
C TRP A 70 -15.15 -16.46 -13.52
N ASN A 71 -14.40 -16.80 -12.49
CA ASN A 71 -14.85 -17.73 -11.47
C ASN A 71 -14.68 -17.12 -10.09
N GLY A 72 -14.84 -17.95 -9.06
CA GLY A 72 -14.49 -17.55 -7.69
C GLY A 72 -15.30 -16.38 -7.16
N MET A 73 -14.70 -15.72 -6.17
CA MET A 73 -15.34 -14.59 -5.52
C MET A 73 -15.59 -13.45 -6.50
N VAL A 74 -14.67 -13.22 -7.43
CA VAL A 74 -14.88 -12.19 -8.43
C VAL A 74 -16.20 -12.42 -9.16
N LYS A 75 -16.43 -13.68 -9.61
CA LYS A 75 -17.66 -13.98 -10.33
C LYS A 75 -18.90 -13.79 -9.45
N GLU A 76 -18.81 -14.11 -8.17
CA GLU A 76 -19.96 -13.89 -7.29
C GLU A 76 -20.31 -12.41 -7.22
N LEU A 77 -19.30 -11.53 -7.24
CA LEU A 77 -19.58 -10.10 -7.25
C LEU A 77 -20.13 -9.65 -8.60
N ILE A 78 -19.49 -10.08 -9.69
CA ILE A 78 -19.98 -9.73 -11.02
C ILE A 78 -21.46 -10.07 -11.13
N ASP A 79 -21.85 -11.26 -10.66
CA ASP A 79 -23.20 -11.77 -10.79
C ASP A 79 -24.14 -11.28 -9.70
N HIS A 80 -23.68 -10.41 -8.82
CA HIS A 80 -24.52 -9.84 -7.76
C HIS A 80 -25.11 -10.92 -6.86
N ARG A 81 -24.30 -11.94 -6.58
CA ARG A 81 -24.64 -12.94 -5.58
C ARG A 81 -23.97 -12.67 -4.24
N ALA A 82 -23.09 -11.69 -4.17
CA ALA A 82 -22.52 -11.21 -2.91
C ALA A 82 -22.41 -9.68 -2.98
N ASP A 83 -22.57 -9.03 -1.81
CA ASP A 83 -22.38 -7.60 -1.72
C ASP A 83 -20.92 -7.23 -1.54
N LEU A 84 -20.18 -8.03 -0.77
CA LEU A 84 -18.78 -7.78 -0.48
C LEU A 84 -18.02 -9.10 -0.58
N ALA A 85 -16.72 -9.00 -0.92
CA ALA A 85 -15.77 -10.09 -0.81
C ALA A 85 -14.71 -9.66 0.20
N VAL A 86 -14.56 -10.40 1.28
CA VAL A 86 -13.61 -10.05 2.34
C VAL A 86 -12.69 -11.26 2.50
N ALA A 87 -11.46 -11.12 2.06
CA ALA A 87 -10.53 -12.23 1.88
C ALA A 87 -9.18 -11.64 1.48
N PRO A 88 -8.11 -12.41 1.49
CA PRO A 88 -6.84 -11.93 0.91
C PRO A 88 -6.92 -11.88 -0.60
N LEU A 89 -7.82 -11.04 -1.10
CA LEU A 89 -8.07 -10.91 -2.53
C LEU A 89 -7.18 -9.80 -3.08
N THR A 90 -6.17 -10.20 -3.81
CA THR A 90 -5.17 -9.28 -4.30
C THR A 90 -5.79 -8.33 -5.32
N ILE A 91 -5.57 -7.03 -5.11
CA ILE A 91 -6.00 -5.99 -6.04
C ILE A 91 -5.10 -6.03 -7.27
N THR A 92 -5.67 -6.38 -8.42
CA THR A 92 -4.91 -6.50 -9.66
C THR A 92 -5.64 -5.79 -10.78
N TYR A 93 -4.87 -5.47 -11.82
CA TYR A 93 -5.40 -4.81 -13.00
C TYR A 93 -6.57 -5.58 -13.59
N VAL A 94 -6.42 -6.90 -13.81
CA VAL A 94 -7.48 -7.63 -14.52
C VAL A 94 -8.75 -7.69 -13.66
N ARG A 95 -8.60 -7.79 -12.34
CA ARG A 95 -9.77 -7.87 -11.47
C ARG A 95 -10.44 -6.49 -11.31
N GLU A 96 -9.63 -5.43 -11.18
CA GLU A 96 -10.18 -4.10 -10.98
C GLU A 96 -11.02 -3.66 -12.16
N LYS A 97 -10.76 -4.22 -13.35
CA LYS A 97 -11.58 -3.88 -14.50
C LYS A 97 -13.01 -4.43 -14.43
N VAL A 98 -13.26 -5.49 -13.65
CA VAL A 98 -14.57 -6.15 -13.66
C VAL A 98 -15.30 -6.06 -12.33
N ILE A 99 -14.63 -5.73 -11.22
CA ILE A 99 -15.26 -5.41 -9.94
C ILE A 99 -14.68 -4.10 -9.41
N ASP A 100 -15.32 -3.56 -8.37
CA ASP A 100 -14.82 -2.40 -7.64
C ASP A 100 -14.11 -2.91 -6.39
N PHE A 101 -12.96 -2.35 -6.09
CA PHE A 101 -12.19 -2.67 -4.90
C PHE A 101 -12.21 -1.45 -3.98
N SER A 102 -12.32 -1.69 -2.67
CA SER A 102 -12.00 -0.66 -1.70
C SER A 102 -10.50 -0.38 -1.76
N LYS A 103 -10.08 0.67 -1.07
CA LYS A 103 -8.64 0.83 -0.86
C LYS A 103 -8.13 -0.34 -0.03
N PRO A 104 -6.83 -0.63 -0.11
CA PRO A 104 -6.28 -1.81 0.55
C PRO A 104 -6.27 -1.70 2.06
N PHE A 105 -6.58 -2.82 2.73
CA PHE A 105 -6.46 -2.92 4.17
C PHE A 105 -5.18 -3.61 4.64
N MET A 106 -4.39 -4.16 3.72
CA MET A 106 -3.13 -4.82 4.06
C MET A 106 -2.20 -4.73 2.86
N THR A 107 -0.93 -4.43 3.12
CA THR A 107 0.04 -4.38 2.03
C THR A 107 0.77 -5.72 1.89
N LEU A 108 1.31 -5.96 0.70
CA LEU A 108 2.04 -7.20 0.47
C LEU A 108 2.84 -7.05 -0.83
N GLY A 109 3.77 -7.97 -1.02
CA GLY A 109 4.42 -8.14 -2.31
C GLY A 109 4.77 -9.60 -2.47
N ILE A 110 4.99 -9.98 -3.73
CA ILE A 110 5.51 -11.32 -4.00
C ILE A 110 6.91 -11.41 -3.42
N SER A 111 7.20 -12.54 -2.76
CA SER A 111 8.56 -12.82 -2.30
C SER A 111 8.78 -14.33 -2.40
N ILE A 112 9.86 -14.82 -1.81
CA ILE A 112 10.31 -16.20 -1.93
C ILE A 112 10.29 -16.86 -0.56
N LEU A 113 9.62 -18.00 -0.47
CA LEU A 113 9.71 -18.89 0.69
C LEU A 113 10.66 -20.05 0.40
N TYR A 114 11.62 -20.28 1.31
CA TYR A 114 12.65 -21.26 1.10
C TYR A 114 13.16 -21.70 2.46
N ARG A 115 13.96 -22.74 2.47
CA ARG A 115 14.53 -23.18 3.73
C ARG A 115 15.70 -22.27 4.13
N LYS A 116 16.01 -22.27 5.42
CA LYS A 116 17.14 -21.50 5.90
C LYS A 116 18.47 -22.21 5.57
N GLY A 117 19.56 -21.48 5.65
CA GLY A 117 20.89 -22.06 5.59
C GLY A 117 21.45 -22.27 4.20
N THR A 118 20.93 -21.56 3.21
CA THR A 118 21.41 -21.70 1.84
C THR A 118 22.03 -20.39 1.38
N PRO A 119 22.75 -20.37 0.26
CA PRO A 119 23.31 -19.11 -0.26
C PRO A 119 22.36 -18.30 -1.11
N ILE A 120 21.15 -18.79 -1.38
CA ILE A 120 20.24 -18.08 -2.25
C ILE A 120 19.79 -16.80 -1.57
N ASP A 121 19.80 -15.68 -2.31
CA ASP A 121 19.52 -14.39 -1.72
C ASP A 121 18.52 -13.54 -2.49
N SER A 122 18.05 -13.97 -3.65
CA SER A 122 17.19 -13.13 -4.47
C SER A 122 16.58 -13.97 -5.57
N ALA A 123 15.55 -13.42 -6.23
CA ALA A 123 14.99 -14.08 -7.40
C ALA A 123 16.03 -14.26 -8.50
N ASP A 124 16.96 -13.30 -8.63
CA ASP A 124 18.02 -13.45 -9.63
CA ASP A 124 18.03 -13.44 -9.62
C ASP A 124 18.81 -14.73 -9.40
N ASP A 125 18.99 -15.13 -8.13
CA ASP A 125 19.73 -16.35 -7.84
C ASP A 125 18.97 -17.59 -8.33
N LEU A 126 17.64 -17.56 -8.30
CA LEU A 126 16.84 -18.67 -8.80
C LEU A 126 16.79 -18.68 -10.32
N ALA A 127 16.63 -17.50 -10.94
CA ALA A 127 16.40 -17.44 -12.37
C ALA A 127 17.61 -17.90 -13.16
N LYS A 128 18.81 -17.80 -12.59
CA LYS A 128 20.02 -18.10 -13.34
C LYS A 128 20.37 -19.58 -13.34
N GLN A 129 19.57 -20.43 -12.69
CA GLN A 129 19.94 -21.81 -12.46
C GLN A 129 18.70 -22.69 -12.63
N THR A 130 18.91 -24.01 -12.52
CA THR A 130 17.82 -24.96 -12.67
C THR A 130 17.89 -26.11 -11.69
N LYS A 131 18.93 -26.21 -10.86
CA LYS A 131 18.98 -27.27 -9.85
C LYS A 131 17.87 -27.09 -8.81
N ILE A 132 17.66 -25.86 -8.34
CA ILE A 132 16.60 -25.55 -7.40
C ILE A 132 15.33 -25.30 -8.21
N GLU A 133 14.28 -26.07 -7.94
CA GLU A 133 12.98 -25.86 -8.58
C GLU A 133 12.23 -24.77 -7.84
N TYR A 134 11.41 -24.01 -8.56
CA TYR A 134 10.65 -22.94 -7.95
C TYR A 134 9.34 -22.76 -8.72
N GLY A 135 8.33 -22.30 -8.00
CA GLY A 135 7.01 -22.20 -8.60
C GLY A 135 6.08 -21.36 -7.76
N ALA A 136 4.80 -21.44 -8.12
CA ALA A 136 3.77 -20.60 -7.52
C ALA A 136 2.48 -21.41 -7.50
N VAL A 137 1.47 -20.90 -6.80
CA VAL A 137 0.17 -21.52 -6.80
C VAL A 137 -0.46 -21.32 -8.18
N ARG A 138 -0.98 -22.39 -8.76
CA ARG A 138 -1.55 -22.30 -10.10
C ARG A 138 -2.75 -21.34 -10.10
N ASP A 139 -2.79 -20.47 -11.10
CA ASP A 139 -3.92 -19.58 -11.41
C ASP A 139 -4.11 -18.42 -10.43
N GLY A 140 -3.25 -18.28 -9.42
CA GLY A 140 -3.31 -17.13 -8.53
C GLY A 140 -2.64 -15.91 -9.17
N SER A 141 -2.72 -14.79 -8.44
CA SER A 141 -2.18 -13.54 -8.96
CA SER A 141 -2.17 -13.53 -8.95
C SER A 141 -0.65 -13.57 -9.05
N THR A 142 0.00 -14.38 -8.23
CA THR A 142 1.45 -14.50 -8.35
C THR A 142 1.83 -15.16 -9.66
N MET A 143 1.18 -16.27 -10.00
CA MET A 143 1.46 -16.92 -11.27
C MET A 143 1.19 -15.95 -12.42
N THR A 144 0.09 -15.20 -12.34
CA THR A 144 -0.25 -14.28 -13.42
C THR A 144 0.78 -13.18 -13.57
N PHE A 145 1.32 -12.69 -12.45
CA PHE A 145 2.39 -11.70 -12.52
C PHE A 145 3.55 -12.19 -13.38
N PHE A 146 4.00 -13.43 -13.14
CA PHE A 146 5.14 -13.93 -13.91
C PHE A 146 4.75 -14.17 -15.35
N LYS A 147 3.53 -14.67 -15.58
CA LYS A 147 3.10 -14.93 -16.94
C LYS A 147 3.14 -13.67 -17.79
N LYS A 148 2.75 -12.54 -17.21
CA LYS A 148 2.59 -11.29 -17.94
C LYS A 148 3.83 -10.40 -17.92
N SER A 149 4.80 -10.67 -17.04
CA SER A 149 5.93 -9.77 -16.92
C SER A 149 6.77 -9.75 -18.18
N LYS A 150 7.35 -8.59 -18.48
CA LYS A 150 8.30 -8.41 -19.55
C LYS A 150 9.69 -8.08 -19.00
N ILE A 151 9.86 -8.12 -17.67
CA ILE A 151 11.17 -8.00 -17.06
C ILE A 151 11.95 -9.27 -17.35
N SER A 152 13.19 -9.12 -17.81
CA SER A 152 13.98 -10.27 -18.24
C SER A 152 14.04 -11.36 -17.18
N THR A 153 14.37 -11.00 -15.95
CA THR A 153 14.53 -12.02 -14.90
C THR A 153 13.22 -12.77 -14.68
N TYR A 154 12.08 -12.07 -14.69
CA TYR A 154 10.82 -12.73 -14.42
C TYR A 154 10.29 -13.48 -15.63
N GLU A 155 10.65 -13.03 -16.84
CA GLU A 155 10.37 -13.83 -18.04
C GLU A 155 11.08 -15.17 -17.96
N LYS A 156 12.38 -15.16 -17.61
CA LYS A 156 13.13 -16.41 -17.48
C LYS A 156 12.46 -17.33 -16.46
N MET A 157 12.03 -16.78 -15.34
CA MET A 157 11.40 -17.58 -14.30
C MET A 157 10.09 -18.17 -14.76
N TRP A 158 9.31 -17.40 -15.53
CA TRP A 158 8.06 -17.92 -16.04
C TRP A 158 8.31 -19.06 -17.02
N ALA A 159 9.33 -18.90 -17.88
CA ALA A 159 9.67 -19.95 -18.83
C ALA A 159 9.99 -21.25 -18.10
N PHE A 160 10.72 -21.15 -16.98
CA PHE A 160 11.00 -22.33 -16.18
C PHE A 160 9.73 -22.86 -15.52
N MET A 161 8.98 -21.99 -14.87
CA MET A 161 7.79 -22.39 -14.15
C MET A 161 6.78 -23.08 -15.06
N SER A 162 6.62 -22.58 -16.27
CA SER A 162 5.62 -23.07 -17.20
C SER A 162 6.09 -24.26 -18.01
N SER A 163 7.36 -24.65 -17.91
CA SER A 163 7.86 -25.78 -18.69
C SER A 163 7.36 -27.10 -18.07
N ARG A 164 7.56 -28.19 -18.81
CA ARG A 164 7.27 -29.52 -18.33
C ARG A 164 5.86 -29.63 -17.75
N GLN A 165 4.89 -29.12 -18.53
CA GLN A 165 3.48 -29.20 -18.18
C GLN A 165 3.20 -28.48 -16.87
N GLN A 166 4.01 -27.49 -16.53
CA GLN A 166 3.85 -26.68 -15.31
C GLN A 166 4.03 -27.51 -14.05
N SER A 167 4.91 -28.53 -14.10
CA SER A 167 5.13 -29.38 -12.93
C SER A 167 5.70 -28.60 -11.75
N ALA A 168 6.28 -27.42 -11.98
CA ALA A 168 6.81 -26.59 -10.89
C ALA A 168 5.75 -25.84 -10.11
N LEU A 169 4.53 -25.78 -10.61
CA LEU A 169 3.46 -25.09 -9.88
C LEU A 169 2.81 -26.05 -8.90
N VAL A 170 2.05 -25.49 -7.96
CA VAL A 170 1.37 -26.28 -6.95
C VAL A 170 -0.10 -25.87 -6.91
N LYS A 171 -0.93 -26.76 -6.34
CA LYS A 171 -2.37 -26.50 -6.33
C LYS A 171 -2.76 -25.47 -5.28
N ASN A 172 -2.04 -25.41 -4.16
CA ASN A 172 -2.38 -24.47 -3.07
C ASN A 172 -1.13 -24.21 -2.25
N SER A 173 -1.26 -23.27 -1.30
CA SER A 173 -0.11 -22.86 -0.52
C SER A 173 0.37 -23.98 0.40
N ASP A 174 -0.56 -24.77 0.96
CA ASP A 174 -0.15 -25.86 1.84
C ASP A 174 0.70 -26.88 1.08
N GLU A 175 0.30 -27.22 -0.14
CA GLU A 175 1.11 -28.12 -0.95
C GLU A 175 2.48 -27.51 -1.21
N GLY A 176 2.53 -26.21 -1.54
CA GLY A 176 3.80 -25.55 -1.79
C GLY A 176 4.70 -25.52 -0.56
N ILE A 177 4.14 -25.24 0.61
CA ILE A 177 4.93 -25.28 1.84
C ILE A 177 5.51 -26.67 2.08
N GLN A 178 4.70 -27.73 1.93
CA GLN A 178 5.24 -29.06 2.13
C GLN A 178 6.33 -29.38 1.10
N ARG A 179 6.18 -28.88 -0.13
CA ARG A 179 7.20 -29.10 -1.13
C ARG A 179 8.51 -28.41 -0.74
N VAL A 180 8.42 -27.21 -0.17
CA VAL A 180 9.62 -26.51 0.32
C VAL A 180 10.30 -27.31 1.44
N LEU A 181 9.51 -27.87 2.35
CA LEU A 181 10.07 -28.58 3.49
C LEU A 181 10.70 -29.92 3.13
N THR A 182 10.28 -30.52 2.01
CA THR A 182 10.68 -31.89 1.71
C THR A 182 11.68 -32.00 0.57
N THR A 183 11.66 -31.07 -0.37
CA THR A 183 12.47 -31.16 -1.58
C THR A 183 13.26 -29.86 -1.71
N ASP A 184 14.12 -29.79 -2.74
CA ASP A 184 14.86 -28.56 -3.01
C ASP A 184 13.97 -27.71 -3.91
N TYR A 185 13.09 -26.95 -3.26
CA TYR A 185 12.04 -26.20 -3.93
C TYR A 185 11.87 -24.86 -3.20
N ALA A 186 11.69 -23.79 -3.97
CA ALA A 186 11.37 -22.48 -3.45
C ALA A 186 10.01 -22.05 -3.97
N LEU A 187 9.18 -21.48 -3.07
CA LEU A 187 7.82 -21.09 -3.42
C LEU A 187 7.70 -19.57 -3.52
N LEU A 188 7.22 -19.09 -4.66
CA LEU A 188 6.93 -17.67 -4.84
C LEU A 188 5.54 -17.42 -4.23
N MET A 189 5.49 -16.57 -3.20
CA MET A 189 4.34 -16.48 -2.30
C MET A 189 4.20 -15.03 -1.83
N GLU A 190 2.97 -14.63 -1.56
CA GLU A 190 2.73 -13.27 -1.08
C GLU A 190 3.35 -13.13 0.32
N SER A 191 3.98 -11.98 0.54
CA SER A 191 4.84 -11.80 1.71
C SER A 191 4.08 -11.95 3.02
N THR A 192 2.82 -11.57 3.06
CA THR A 192 2.02 -11.73 4.26
C THR A 192 1.88 -13.20 4.64
N SER A 193 1.69 -14.06 3.64
CA SER A 193 1.62 -15.49 3.92
C SER A 193 2.98 -16.03 4.35
N ILE A 194 4.08 -15.52 3.77
CA ILE A 194 5.41 -15.95 4.19
C ILE A 194 5.62 -15.61 5.65
N GLU A 195 5.26 -14.37 6.03
CA GLU A 195 5.40 -13.96 7.42
C GLU A 195 4.66 -14.92 8.37
N TYR A 196 3.44 -15.30 7.98
CA TYR A 196 2.66 -16.21 8.80
C TYR A 196 3.36 -17.56 8.92
N VAL A 197 3.87 -18.08 7.79
CA VAL A 197 4.49 -19.40 7.76
C VAL A 197 5.79 -19.41 8.56
N THR A 198 6.65 -18.40 8.35
CA THR A 198 7.94 -18.40 9.03
C THR A 198 7.83 -18.12 10.52
N GLN A 199 6.73 -17.50 10.97
CA GLN A 199 6.47 -17.39 12.40
C GLN A 199 6.23 -18.75 13.03
N ARG A 200 5.84 -19.73 12.24
CA ARG A 200 5.44 -21.04 12.74
C ARG A 200 6.35 -22.17 12.34
N ASN A 201 7.20 -21.99 11.33
CA ASN A 201 8.14 -23.01 10.89
CA ASN A 201 8.15 -23.01 10.88
C ASN A 201 9.53 -22.38 10.93
N CYS A 202 10.24 -22.59 12.05
CA CYS A 202 11.55 -21.97 12.23
C CYS A 202 12.61 -22.46 11.25
N ASN A 203 12.31 -23.47 10.45
CA ASN A 203 13.23 -23.91 9.41
C ASN A 203 13.08 -23.13 8.11
N LEU A 204 12.08 -22.28 8.00
CA LEU A 204 11.82 -21.58 6.75
C LEU A 204 12.07 -20.09 6.92
N THR A 205 12.30 -19.40 5.80
CA THR A 205 12.59 -17.99 5.81
C THR A 205 12.16 -17.37 4.50
N GLN A 206 12.02 -16.04 4.51
CA GLN A 206 11.86 -15.27 3.29
C GLN A 206 13.23 -15.06 2.65
N ILE A 207 13.30 -15.20 1.32
CA ILE A 207 14.53 -14.94 0.57
C ILE A 207 14.36 -13.63 -0.20
N GLY A 208 15.24 -12.67 0.07
CA GLY A 208 15.22 -11.39 -0.58
C GLY A 208 14.08 -10.51 -0.08
N GLY A 209 13.83 -9.47 -0.85
CA GLY A 209 12.78 -8.51 -0.55
C GLY A 209 11.50 -8.78 -1.32
N LEU A 210 10.68 -7.75 -1.45
CA LEU A 210 9.43 -7.83 -2.19
C LEU A 210 9.68 -7.51 -3.66
N ILE A 211 9.09 -8.32 -4.54
CA ILE A 211 9.29 -8.16 -5.97
C ILE A 211 8.37 -7.09 -6.53
N ASP A 212 7.19 -6.91 -5.93
CA ASP A 212 6.25 -5.91 -6.39
C ASP A 212 5.59 -5.30 -5.15
N SER A 213 4.59 -4.46 -5.37
CA SER A 213 3.94 -3.76 -4.27
C SER A 213 2.46 -3.69 -4.53
N LYS A 214 1.66 -4.29 -3.65
CA LYS A 214 0.22 -4.30 -3.85
C LYS A 214 -0.48 -4.50 -2.51
N GLY A 215 -1.78 -4.73 -2.58
CA GLY A 215 -2.56 -4.87 -1.37
C GLY A 215 -3.76 -5.76 -1.57
N TYR A 216 -4.37 -6.11 -0.45
CA TYR A 216 -5.67 -6.76 -0.44
C TYR A 216 -6.73 -5.70 -0.21
N GLY A 217 -7.83 -5.78 -0.97
CA GLY A 217 -8.95 -4.88 -0.77
C GLY A 217 -10.25 -5.66 -0.70
N VAL A 218 -11.26 -4.98 -0.18
CA VAL A 218 -12.60 -5.54 -0.14
C VAL A 218 -13.21 -5.41 -1.53
N GLY A 219 -13.72 -6.51 -2.06
CA GLY A 219 -14.34 -6.49 -3.38
C GLY A 219 -15.81 -6.16 -3.27
N THR A 220 -16.29 -5.34 -4.21
CA THR A 220 -17.73 -5.11 -4.35
C THR A 220 -18.06 -5.14 -5.84
N PRO A 221 -19.33 -5.38 -6.17
CA PRO A 221 -19.73 -5.26 -7.59
C PRO A 221 -19.53 -3.83 -8.06
N ILE A 222 -19.28 -3.69 -9.37
CA ILE A 222 -19.10 -2.36 -9.93
C ILE A 222 -20.35 -1.54 -9.64
N GLY A 223 -20.14 -0.28 -9.24
CA GLY A 223 -21.22 0.63 -8.91
C GLY A 223 -21.74 0.52 -7.50
N SER A 224 -21.19 -0.37 -6.69
CA SER A 224 -21.69 -0.57 -5.34
C SER A 224 -21.58 0.72 -4.54
N PRO A 225 -22.63 1.13 -3.81
CA PRO A 225 -22.51 2.29 -2.92
C PRO A 225 -21.70 2.02 -1.67
N TYR A 226 -21.36 0.75 -1.39
CA TYR A 226 -20.59 0.43 -0.21
C TYR A 226 -19.08 0.56 -0.41
N ARG A 227 -18.61 0.59 -1.66
CA ARG A 227 -17.18 0.66 -1.91
C ARG A 227 -16.55 1.85 -1.17
N ASP A 228 -17.07 3.05 -1.44
CA ASP A 228 -16.45 4.27 -0.89
C ASP A 228 -16.58 4.32 0.63
N LYS A 229 -17.71 3.84 1.16
CA LYS A 229 -17.90 3.78 2.60
C LYS A 229 -16.90 2.81 3.24
N ILE A 230 -16.68 1.67 2.61
CA ILE A 230 -15.72 0.71 3.17
CA ILE A 230 -15.72 0.71 3.15
C ILE A 230 -14.31 1.27 3.10
N THR A 231 -13.97 1.94 2.00
CA THR A 231 -12.67 2.62 1.93
C THR A 231 -12.46 3.57 3.10
N ILE A 232 -13.44 4.44 3.36
CA ILE A 232 -13.32 5.41 4.44
CA ILE A 232 -13.32 5.41 4.44
C ILE A 232 -13.14 4.70 5.78
N ALA A 233 -13.92 3.64 6.01
CA ALA A 233 -13.81 2.91 7.27
C ALA A 233 -12.44 2.27 7.42
N ILE A 234 -11.91 1.71 6.33
CA ILE A 234 -10.57 1.12 6.36
C ILE A 234 -9.53 2.18 6.71
N LEU A 235 -9.62 3.37 6.11
CA LEU A 235 -8.68 4.43 6.46
C LEU A 235 -8.79 4.80 7.93
N GLN A 236 -10.01 4.86 8.47
CA GLN A 236 -10.18 5.17 9.89
C GLN A 236 -9.51 4.10 10.74
N LEU A 237 -9.75 2.84 10.41
CA LEU A 237 -9.18 1.74 11.18
C LEU A 237 -7.66 1.77 11.12
N GLN A 238 -7.09 2.11 9.96
CA GLN A 238 -5.64 2.23 9.85
C GLN A 238 -5.12 3.34 10.76
N GLU A 239 -5.73 4.53 10.68
CA GLU A 239 -5.20 5.68 11.41
C GLU A 239 -5.35 5.51 12.92
N GLU A 240 -6.30 4.70 13.36
CA GLU A 240 -6.48 4.42 14.79
C GLU A 240 -5.56 3.31 15.30
N GLY A 241 -4.78 2.68 14.42
CA GLY A 241 -3.90 1.60 14.79
C GLY A 241 -4.56 0.24 14.88
N LYS A 242 -5.84 0.14 14.51
CA LYS A 242 -6.59 -1.09 14.73
C LYS A 242 -6.17 -2.17 13.76
N LEU A 243 -5.90 -1.81 12.50
CA LEU A 243 -5.45 -2.81 11.53
C LEU A 243 -4.10 -3.40 11.95
N HIS A 244 -3.21 -2.57 12.49
CA HIS A 244 -1.94 -3.08 12.98
C HIS A 244 -2.16 -4.07 14.11
N MET A 245 -3.04 -3.75 15.06
CA MET A 245 -3.30 -4.67 16.16
C MET A 245 -3.91 -5.97 15.67
N MET A 246 -4.83 -5.87 14.71
CA MET A 246 -5.45 -7.08 14.16
C MET A 246 -4.41 -7.99 13.51
N LYS A 247 -3.48 -7.41 12.75
CA LYS A 247 -2.45 -8.24 12.12
C LYS A 247 -1.57 -8.92 13.17
N GLU A 248 -1.12 -8.15 14.17
CA GLU A 248 -0.30 -8.73 15.23
C GLU A 248 -1.04 -9.86 15.94
N LYS A 249 -2.33 -9.68 16.18
CA LYS A 249 -3.11 -10.70 16.89
C LYS A 249 -3.03 -12.05 16.19
N TRP A 250 -3.20 -12.06 14.87
CA TRP A 250 -3.32 -13.31 14.12
C TRP A 250 -2.00 -13.83 13.54
N TRP A 251 -1.00 -12.97 13.36
CA TRP A 251 0.27 -13.40 12.78
C TRP A 251 1.29 -13.91 13.80
N ARG A 252 1.32 -13.29 14.98
CA ARG A 252 2.40 -13.56 15.92
C ARG A 252 2.42 -15.03 16.29
N GLY A 253 3.60 -15.66 16.18
CA GLY A 253 3.80 -17.03 16.59
C GLY A 253 4.44 -17.12 17.96
N ASN A 254 4.87 -18.33 18.28
CA ASN A 254 5.50 -18.60 19.57
C ASN A 254 6.99 -18.32 19.58
N GLY A 255 7.51 -17.63 18.57
CA GLY A 255 8.92 -17.29 18.52
C GLY A 255 9.80 -18.45 18.10
N CYS A 256 10.97 -18.10 17.56
CA CYS A 256 11.94 -19.09 17.11
C CYS A 256 13.27 -18.91 17.84
N ARG B 4 -11.12 17.40 -23.93
CA ARG B 4 -10.67 18.61 -23.26
C ARG B 4 -9.34 18.37 -22.55
N THR B 5 -8.52 19.41 -22.45
CA THR B 5 -7.25 19.32 -21.75
C THR B 5 -7.49 19.36 -20.24
N LEU B 6 -6.90 18.42 -19.52
CA LEU B 6 -7.09 18.36 -18.08
C LEU B 6 -6.14 19.31 -17.35
N ILE B 7 -6.66 19.97 -16.33
CA ILE B 7 -5.85 20.81 -15.45
C ILE B 7 -5.37 19.94 -14.29
N VAL B 8 -4.06 19.88 -14.09
CA VAL B 8 -3.43 19.07 -13.06
C VAL B 8 -2.82 20.01 -12.04
N THR B 9 -3.33 19.99 -10.82
CA THR B 9 -2.76 20.75 -9.73
C THR B 9 -1.63 19.94 -9.09
N THR B 10 -0.58 20.63 -8.68
CA THR B 10 0.59 19.99 -8.08
C THR B 10 1.31 21.02 -7.24
N ILE B 11 2.43 20.60 -6.65
CA ILE B 11 3.16 21.43 -5.69
C ILE B 11 4.64 21.10 -5.81
N LEU B 12 5.48 22.11 -5.61
CA LEU B 12 6.92 21.91 -5.67
C LEU B 12 7.38 21.07 -4.48
N GLU B 13 8.01 19.92 -4.74
CA GLU B 13 8.46 19.05 -3.67
C GLU B 13 9.46 18.04 -4.24
N GLU B 14 10.67 18.03 -3.76
CA GLU B 14 11.71 17.18 -4.30
C GLU B 14 11.53 15.74 -3.80
N PRO B 15 11.66 14.71 -4.68
CA PRO B 15 11.96 14.73 -6.12
C PRO B 15 10.74 14.57 -6.98
N TYR B 16 9.57 14.90 -6.42
CA TYR B 16 8.32 14.71 -7.13
C TYR B 16 8.13 15.75 -8.23
N VAL B 17 8.31 17.02 -7.89
CA VAL B 17 8.06 18.13 -8.80
C VAL B 17 9.11 19.20 -8.52
N MET B 18 9.91 19.51 -9.52
CA MET B 18 10.98 20.47 -9.40
CA MET B 18 10.99 20.49 -9.40
C MET B 18 11.05 21.29 -10.67
N TYR B 19 11.53 22.52 -10.53
CA TYR B 19 11.82 23.35 -11.71
C TYR B 19 12.99 22.74 -12.46
N ARG B 20 12.80 22.52 -13.76
CA ARG B 20 13.90 22.08 -14.62
C ARG B 20 15.01 23.13 -14.63
N LYS B 21 16.20 22.67 -15.00
CA LYS B 21 17.37 23.55 -15.13
C LYS B 21 17.62 23.85 -16.60
N SER B 22 17.76 25.13 -16.92
CA SER B 22 17.97 25.55 -18.30
CA SER B 22 17.99 25.53 -18.30
C SER B 22 18.63 26.91 -18.30
N ASP B 23 19.16 27.29 -19.45
CA ASP B 23 19.81 28.58 -19.66
C ASP B 23 18.84 29.67 -20.08
N LYS B 24 17.57 29.35 -20.26
CA LYS B 24 16.59 30.29 -20.79
C LYS B 24 15.28 30.11 -20.04
N PRO B 25 14.39 31.09 -20.10
CA PRO B 25 13.08 30.92 -19.45
C PRO B 25 12.30 29.78 -20.07
N LEU B 26 11.60 29.04 -19.23
CA LEU B 26 10.78 27.91 -19.64
C LEU B 26 9.31 28.21 -19.45
N TYR B 27 8.48 27.50 -20.21
CA TYR B 27 7.05 27.77 -20.28
C TYR B 27 6.27 26.47 -20.17
N GLY B 28 5.06 26.56 -19.65
CA GLY B 28 4.15 25.42 -19.64
C GLY B 28 4.70 24.24 -18.88
N ASN B 29 4.31 23.02 -19.32
CA ASN B 29 4.75 21.81 -18.62
C ASN B 29 6.25 21.63 -18.66
N ASP B 30 6.92 22.22 -19.65
CA ASP B 30 8.38 22.12 -19.79
C ASP B 30 9.11 22.78 -18.62
N ARG B 31 8.41 23.54 -17.78
CA ARG B 31 9.06 24.13 -16.62
C ARG B 31 9.47 23.09 -15.58
N PHE B 32 8.82 21.93 -15.59
CA PHE B 32 8.88 21.01 -14.48
C PHE B 32 9.49 19.68 -14.87
N GLU B 33 10.11 19.03 -13.87
CA GLU B 33 10.54 17.65 -14.01
C GLU B 33 10.40 16.99 -12.64
N GLY B 34 10.44 15.66 -12.67
CA GLY B 34 10.39 14.87 -11.44
C GLY B 34 9.50 13.65 -11.55
N TYR B 35 9.44 12.88 -10.45
CA TYR B 35 8.67 11.63 -10.47
C TYR B 35 7.22 11.85 -10.89
N CYS B 36 6.59 12.89 -10.37
CA CYS B 36 5.18 13.07 -10.70
C CYS B 36 4.97 13.47 -12.15
N LEU B 37 5.94 14.17 -12.74
CA LEU B 37 5.83 14.47 -14.18
C LEU B 37 5.97 13.19 -15.01
N ASP B 38 6.89 12.30 -14.63
CA ASP B 38 7.00 11.01 -15.31
C ASP B 38 5.71 10.21 -15.16
N LEU B 39 5.12 10.20 -13.95
CA LEU B 39 3.86 9.51 -13.72
C LEU B 39 2.75 10.08 -14.60
N LEU B 40 2.63 11.41 -14.64
CA LEU B 40 1.63 12.03 -15.51
C LEU B 40 1.79 11.61 -16.95
N LYS B 41 3.02 11.63 -17.46
CA LYS B 41 3.26 11.22 -18.85
C LYS B 41 2.78 9.79 -19.09
N GLU B 42 3.05 8.90 -18.15
CA GLU B 42 2.64 7.51 -18.31
C GLU B 42 1.14 7.34 -18.20
N LEU B 43 0.51 8.07 -17.29
CA LEU B 43 -0.95 8.05 -17.21
C LEU B 43 -1.57 8.60 -18.47
N SER B 44 -1.01 9.70 -19.01
CA SER B 44 -1.54 10.28 -20.23
CA SER B 44 -1.53 10.29 -20.24
C SER B 44 -1.37 9.34 -21.42
N ASN B 45 -0.25 8.59 -21.47
CA ASN B 45 -0.05 7.63 -22.55
CA ASN B 45 -0.06 7.63 -22.56
C ASN B 45 -1.11 6.53 -22.52
N ILE B 46 -1.47 6.05 -21.34
CA ILE B 46 -2.41 4.96 -21.22
C ILE B 46 -3.83 5.42 -21.52
N LEU B 47 -4.21 6.56 -20.94
CA LEU B 47 -5.59 7.03 -21.00
C LEU B 47 -5.87 8.01 -22.12
N GLY B 48 -4.84 8.63 -22.68
CA GLY B 48 -5.02 9.45 -23.86
C GLY B 48 -5.58 10.84 -23.62
N PHE B 49 -5.12 11.53 -22.58
CA PHE B 49 -5.55 12.90 -22.33
C PHE B 49 -4.37 13.84 -22.45
N LEU B 50 -4.67 15.09 -22.81
CA LEU B 50 -3.73 16.19 -22.73
C LEU B 50 -3.87 16.83 -21.34
N TYR B 51 -2.80 17.50 -20.89
CA TYR B 51 -2.84 18.04 -19.54
C TYR B 51 -1.99 19.30 -19.44
N ASP B 52 -2.42 20.19 -18.55
CA ASP B 52 -1.74 21.45 -18.26
C ASP B 52 -1.42 21.44 -16.77
N VAL B 53 -0.14 21.46 -16.43
CA VAL B 53 0.30 21.41 -15.04
C VAL B 53 0.27 22.82 -14.46
N LYS B 54 -0.34 22.98 -13.28
CA LYS B 54 -0.50 24.28 -12.64
C LYS B 54 -0.18 24.15 -11.16
N LEU B 55 0.83 24.87 -10.71
CA LEU B 55 1.17 24.85 -9.29
C LEU B 55 0.00 25.40 -8.49
N VAL B 56 -0.27 24.77 -7.35
CA VAL B 56 -1.41 25.19 -6.52
C VAL B 56 -1.17 26.61 -6.00
N PRO B 57 -2.09 27.55 -6.22
CA PRO B 57 -1.75 28.95 -5.92
C PRO B 57 -1.35 29.20 -4.48
N ASP B 58 -1.95 28.53 -3.49
CA ASP B 58 -1.60 28.85 -2.10
C ASP B 58 -0.46 27.99 -1.57
N GLY B 59 0.08 27.09 -2.38
CA GLY B 59 1.24 26.30 -1.97
C GLY B 59 0.99 25.30 -0.86
N LYS B 60 -0.23 24.82 -0.71
CA LYS B 60 -0.58 23.89 0.35
C LYS B 60 -1.10 22.57 -0.20
N TYR B 61 -0.98 21.52 0.61
CA TYR B 61 -1.46 20.20 0.22
C TYR B 61 -2.97 20.08 0.38
N GLY B 62 -3.50 20.47 1.53
CA GLY B 62 -4.92 20.36 1.74
C GLY B 62 -5.31 20.00 3.16
N ALA B 63 -5.88 20.97 3.86
CA ALA B 63 -6.39 20.80 5.21
C ALA B 63 -7.62 21.70 5.37
N GLN B 64 -8.44 21.41 6.35
CA GLN B 64 -9.66 22.17 6.60
C GLN B 64 -9.51 22.98 7.87
N ASN B 65 -10.18 24.14 7.91
CA ASN B 65 -10.14 24.99 9.08
C ASN B 65 -11.34 24.68 9.98
N ASP B 66 -11.51 25.48 11.03
CA ASP B 66 -12.55 25.21 12.02
C ASP B 66 -13.93 25.25 11.41
N LYS B 67 -14.12 26.06 10.35
CA LYS B 67 -15.43 26.22 9.73
C LYS B 67 -15.69 25.20 8.62
N GLY B 68 -14.75 24.30 8.36
CA GLY B 68 -14.93 23.28 7.35
C GLY B 68 -14.48 23.64 5.96
N GLU B 69 -13.82 24.78 5.77
CA GLU B 69 -13.33 25.17 4.46
C GLU B 69 -11.95 24.60 4.23
N TRP B 70 -11.75 23.99 3.06
CA TRP B 70 -10.49 23.38 2.70
C TRP B 70 -9.59 24.38 1.95
N ASN B 71 -8.32 24.02 1.87
CA ASN B 71 -7.34 24.79 1.10
C ASN B 71 -6.48 23.88 0.24
N GLY B 72 -5.46 24.45 -0.41
CA GLY B 72 -4.47 23.61 -1.06
C GLY B 72 -5.02 22.88 -2.28
N MET B 73 -4.30 21.81 -2.65
CA MET B 73 -4.67 21.02 -3.81
C MET B 73 -6.03 20.36 -3.62
N VAL B 74 -6.34 19.96 -2.39
CA VAL B 74 -7.66 19.38 -2.14
C VAL B 74 -8.76 20.37 -2.53
N LYS B 75 -8.63 21.64 -2.11
CA LYS B 75 -9.64 22.64 -2.40
C LYS B 75 -9.75 22.90 -3.91
N GLU B 76 -8.62 22.87 -4.63
CA GLU B 76 -8.69 23.04 -6.08
C GLU B 76 -9.56 21.96 -6.72
N LEU B 77 -9.46 20.72 -6.26
CA LEU B 77 -10.34 19.66 -6.76
C LEU B 77 -11.78 19.90 -6.33
N ILE B 78 -11.99 20.25 -5.07
CA ILE B 78 -13.37 20.40 -4.56
C ILE B 78 -14.12 21.45 -5.38
N ASP B 79 -13.44 22.54 -5.73
CA ASP B 79 -14.07 23.63 -6.48
C ASP B 79 -14.02 23.42 -7.99
N HIS B 80 -13.56 22.28 -8.46
CA HIS B 80 -13.46 21.99 -9.89
C HIS B 80 -12.58 23.01 -10.63
N ARG B 81 -11.53 23.47 -9.96
CA ARG B 81 -10.50 24.26 -10.63
C ARG B 81 -9.32 23.39 -11.12
N ALA B 82 -9.29 22.14 -10.73
CA ALA B 82 -8.36 21.16 -11.29
C ALA B 82 -9.10 19.85 -11.52
N ASP B 83 -8.62 19.07 -12.48
CA ASP B 83 -9.21 17.76 -12.76
C ASP B 83 -8.50 16.66 -11.99
N LEU B 84 -7.17 16.79 -11.86
CA LEU B 84 -6.37 15.82 -11.13
C LEU B 84 -5.41 16.59 -10.23
N ALA B 85 -5.04 15.93 -9.12
CA ALA B 85 -3.91 16.37 -8.29
C ALA B 85 -2.87 15.27 -8.32
N VAL B 86 -1.67 15.58 -8.82
CA VAL B 86 -0.59 14.58 -8.90
C VAL B 86 0.58 15.14 -8.10
N ALA B 87 0.81 14.57 -6.93
CA ALA B 87 1.72 15.07 -5.92
C ALA B 87 1.90 13.99 -4.85
N PRO B 88 2.87 14.11 -3.93
CA PRO B 88 2.92 13.19 -2.78
C PRO B 88 1.81 13.55 -1.79
N LEU B 89 0.58 13.39 -2.24
CA LEU B 89 -0.61 13.76 -1.47
C LEU B 89 -1.09 12.52 -0.72
N THR B 90 -0.88 12.52 0.60
CA THR B 90 -1.15 11.36 1.42
C THR B 90 -2.65 11.08 1.50
N ILE B 91 -3.02 9.83 1.27
CA ILE B 91 -4.39 9.36 1.41
C ILE B 91 -4.72 9.27 2.90
N THR B 92 -5.67 10.08 3.36
CA THR B 92 -6.11 10.09 4.74
C THR B 92 -7.63 10.07 4.79
N TYR B 93 -8.13 9.66 5.94
CA TYR B 93 -9.56 9.62 6.21
C TYR B 93 -10.23 10.97 5.87
N VAL B 94 -9.69 12.05 6.41
CA VAL B 94 -10.40 13.33 6.26
C VAL B 94 -10.37 13.81 4.81
N ARG B 95 -9.29 13.52 4.08
CA ARG B 95 -9.22 13.93 2.68
C ARG B 95 -10.08 13.05 1.78
N GLU B 96 -10.07 11.72 2.00
CA GLU B 96 -10.86 10.82 1.15
C GLU B 96 -12.34 11.11 1.27
N LYS B 97 -12.78 11.72 2.36
CA LYS B 97 -14.19 12.03 2.46
C LYS B 97 -14.61 13.14 1.50
N VAL B 98 -13.68 14.02 1.10
CA VAL B 98 -14.04 15.22 0.31
C VAL B 98 -13.53 15.21 -1.12
N ILE B 99 -12.62 14.30 -1.47
CA ILE B 99 -12.21 14.05 -2.85
C ILE B 99 -12.17 12.54 -3.09
N ASP B 100 -12.06 12.15 -4.37
CA ASP B 100 -11.97 10.74 -4.77
C ASP B 100 -10.51 10.45 -5.14
N PHE B 101 -9.79 9.75 -4.26
CA PHE B 101 -8.42 9.35 -4.54
C PHE B 101 -8.39 8.13 -5.46
N SER B 102 -7.45 8.12 -6.39
CA SER B 102 -7.11 6.87 -7.05
C SER B 102 -6.54 5.90 -6.02
N LYS B 103 -6.37 4.65 -6.43
CA LYS B 103 -5.61 3.73 -5.60
C LYS B 103 -4.18 4.23 -5.50
N PRO B 104 -3.45 3.82 -4.47
CA PRO B 104 -2.12 4.39 -4.23
C PRO B 104 -1.09 4.00 -5.28
N PHE B 105 -0.21 4.93 -5.59
CA PHE B 105 0.91 4.63 -6.50
C PHE B 105 2.24 4.47 -5.78
N MET B 106 2.31 4.80 -4.49
CA MET B 106 3.55 4.62 -3.73
C MET B 106 3.20 4.43 -2.26
N THR B 107 3.87 3.48 -1.62
CA THR B 107 3.66 3.17 -0.21
C THR B 107 4.56 4.05 0.66
N LEU B 108 4.13 4.25 1.90
CA LEU B 108 4.93 5.03 2.84
C LEU B 108 4.39 4.81 4.25
N GLY B 109 5.15 5.25 5.22
CA GLY B 109 4.68 5.34 6.59
C GLY B 109 5.44 6.44 7.30
N ILE B 110 4.90 6.88 8.42
CA ILE B 110 5.61 7.84 9.26
C ILE B 110 6.79 7.13 9.90
N SER B 111 7.95 7.79 9.89
CA SER B 111 9.12 7.27 10.61
C SER B 111 9.94 8.46 11.12
N ILE B 112 11.17 8.19 11.55
CA ILE B 112 11.98 9.15 12.30
C ILE B 112 13.29 9.38 11.55
N LEU B 113 13.56 10.65 11.25
CA LEU B 113 14.85 11.07 10.70
C LEU B 113 15.71 11.64 11.82
N TYR B 114 16.93 11.13 11.95
CA TYR B 114 17.80 11.52 13.04
C TYR B 114 19.24 11.32 12.61
N ARG B 115 20.18 11.85 13.38
CA ARG B 115 21.57 11.65 13.03
C ARG B 115 22.00 10.23 13.42
N LYS B 116 23.11 9.79 12.83
CA LYS B 116 23.63 8.44 13.08
C LYS B 116 24.47 8.42 14.36
N GLY B 117 24.74 7.20 14.84
CA GLY B 117 25.67 7.00 15.93
C GLY B 117 25.10 7.16 17.31
N THR B 118 23.78 7.13 17.47
CA THR B 118 23.16 7.33 18.76
C THR B 118 22.44 6.06 19.20
N PRO B 119 22.10 5.95 20.49
CA PRO B 119 21.34 4.78 20.96
C PRO B 119 19.84 4.88 20.82
N ILE B 120 19.32 6.01 20.32
CA ILE B 120 17.89 6.12 20.08
C ILE B 120 17.48 5.11 19.02
N ASP B 121 16.42 4.36 19.29
CA ASP B 121 16.05 3.24 18.43
C ASP B 121 14.58 3.20 18.04
N SER B 122 13.72 4.05 18.62
CA SER B 122 12.30 3.97 18.35
C SER B 122 11.61 5.21 18.87
N ALA B 123 10.35 5.38 18.44
CA ALA B 123 9.53 6.48 18.96
C ALA B 123 9.37 6.40 20.47
N ASP B 124 9.31 5.20 21.04
CA ASP B 124 9.22 5.08 22.49
C ASP B 124 10.44 5.71 23.17
N ASP B 125 11.62 5.54 22.57
CA ASP B 125 12.82 6.17 23.12
C ASP B 125 12.73 7.69 23.09
N LEU B 126 12.08 8.26 22.09
CA LEU B 126 11.91 9.70 22.04
C LEU B 126 10.85 10.17 23.02
N ALA B 127 9.73 9.45 23.10
CA ALA B 127 8.62 9.88 23.95
C ALA B 127 9.00 9.86 25.42
N LYS B 128 9.93 8.97 25.80
CA LYS B 128 10.29 8.82 27.21
C LYS B 128 11.10 9.99 27.74
N GLN B 129 11.68 10.82 26.88
CA GLN B 129 12.66 11.82 27.29
C GLN B 129 12.32 13.19 26.72
N THR B 130 13.09 14.18 27.17
CA THR B 130 12.90 15.56 26.76
C THR B 130 14.18 16.25 26.28
N LYS B 131 15.35 15.68 26.54
CA LYS B 131 16.59 16.30 26.08
C LYS B 131 16.58 16.45 24.56
N ILE B 132 16.21 15.40 23.85
CA ILE B 132 16.14 15.41 22.39
C ILE B 132 14.78 15.94 21.98
N GLU B 133 14.77 17.02 21.21
CA GLU B 133 13.54 17.60 20.69
C GLU B 133 13.10 16.85 19.42
N TYR B 134 11.79 16.80 19.20
CA TYR B 134 11.29 16.12 18.00
C TYR B 134 9.98 16.77 17.58
N GLY B 135 9.74 16.75 16.28
CA GLY B 135 8.58 17.39 15.74
C GLY B 135 8.25 16.92 14.36
N ALA B 136 7.41 17.70 13.68
CA ALA B 136 6.97 17.37 12.34
C ALA B 136 6.70 18.67 11.58
N VAL B 137 6.41 18.52 10.28
CA VAL B 137 5.99 19.66 9.46
C VAL B 137 4.60 20.10 9.88
N ARG B 138 4.42 21.40 10.11
CA ARG B 138 3.13 21.90 10.57
C ARG B 138 2.06 21.68 9.51
N ASP B 139 0.88 21.24 9.96
CA ASP B 139 -0.35 21.13 9.16
C ASP B 139 -0.32 20.01 8.12
N GLY B 140 0.70 19.15 8.10
CA GLY B 140 0.71 18.00 7.21
C GLY B 140 0.00 16.81 7.85
N SER B 141 -0.08 15.73 7.08
CA SER B 141 -0.76 14.52 7.57
CA SER B 141 -0.76 14.52 7.56
C SER B 141 -0.02 13.89 8.74
N THR B 142 1.30 14.06 8.81
CA THR B 142 2.05 13.52 9.94
C THR B 142 1.65 14.22 11.23
N MET B 143 1.63 15.57 11.22
CA MET B 143 1.22 16.29 12.42
C MET B 143 -0.19 15.88 12.83
N THR B 144 -1.08 15.70 11.85
CA THR B 144 -2.45 15.33 12.17
C THR B 144 -2.52 13.94 12.77
N PHE B 145 -1.70 13.01 12.28
CA PHE B 145 -1.68 11.68 12.86
C PHE B 145 -1.46 11.75 14.36
N PHE B 146 -0.47 12.54 14.79
CA PHE B 146 -0.16 12.62 16.22
C PHE B 146 -1.26 13.36 16.96
N LYS B 147 -1.77 14.45 16.38
CA LYS B 147 -2.82 15.22 17.04
C LYS B 147 -4.03 14.35 17.33
N LYS B 148 -4.35 13.43 16.43
CA LYS B 148 -5.59 12.65 16.54
C LYS B 148 -5.40 11.28 17.18
N SER B 149 -4.16 10.83 17.39
CA SER B 149 -3.94 9.49 17.90
C SER B 149 -4.44 9.37 19.35
N LYS B 150 -4.91 8.16 19.69
CA LYS B 150 -5.21 7.82 21.07
C LYS B 150 -4.23 6.78 21.62
N ILE B 151 -3.19 6.44 20.86
CA ILE B 151 -2.13 5.59 21.36
C ILE B 151 -1.30 6.36 22.38
N SER B 152 -1.15 5.80 23.58
CA SER B 152 -0.52 6.53 24.69
C SER B 152 0.80 7.16 24.27
N THR B 153 1.67 6.39 23.60
CA THR B 153 2.97 6.91 23.20
C THR B 153 2.83 8.11 22.28
N TYR B 154 1.94 8.03 21.30
CA TYR B 154 1.78 9.11 20.34
C TYR B 154 1.02 10.29 20.93
N GLU B 155 0.12 10.05 21.88
CA GLU B 155 -0.46 11.14 22.65
C GLU B 155 0.61 11.88 23.44
N LYS B 156 1.54 11.14 24.04
CA LYS B 156 2.63 11.79 24.78
C LYS B 156 3.47 12.64 23.84
N MET B 157 3.82 12.09 22.68
CA MET B 157 4.66 12.83 21.74
C MET B 157 3.94 14.06 21.22
N TRP B 158 2.63 13.95 20.96
CA TRP B 158 1.87 15.13 20.54
C TRP B 158 1.86 16.19 21.62
N ALA B 159 1.73 15.78 22.90
CA ALA B 159 1.79 16.76 23.98
C ALA B 159 3.10 17.54 23.94
N PHE B 160 4.22 16.83 23.73
CA PHE B 160 5.50 17.51 23.62
C PHE B 160 5.56 18.39 22.37
N MET B 161 5.11 17.85 21.23
CA MET B 161 5.19 18.58 19.97
C MET B 161 4.41 19.88 20.01
N SER B 162 3.21 19.87 20.61
CA SER B 162 2.34 21.03 20.59
C SER B 162 2.66 22.04 21.68
N SER B 163 3.55 21.70 22.61
CA SER B 163 3.86 22.60 23.70
C SER B 163 4.73 23.77 23.22
N ARG B 164 4.83 24.79 24.06
CA ARG B 164 5.66 25.97 23.79
C ARG B 164 5.34 26.56 22.43
N GLN B 165 4.05 26.79 22.19
CA GLN B 165 3.57 27.40 20.94
C GLN B 165 4.05 26.61 19.74
N GLN B 166 4.16 25.28 19.89
CA GLN B 166 4.52 24.37 18.80
C GLN B 166 5.94 24.65 18.27
N SER B 167 6.84 25.11 19.14
CA SER B 167 8.20 25.39 18.71
C SER B 167 8.90 24.17 18.14
N ALA B 168 8.46 22.95 18.49
CA ALA B 168 9.09 21.74 17.96
C ALA B 168 8.75 21.45 16.50
N LEU B 169 7.70 22.07 15.96
CA LEU B 169 7.33 21.83 14.59
C LEU B 169 8.15 22.71 13.63
N VAL B 170 8.14 22.33 12.36
CA VAL B 170 8.86 23.07 11.33
C VAL B 170 7.89 23.43 10.21
N LYS B 171 8.29 24.41 9.41
CA LYS B 171 7.42 24.87 8.34
C LYS B 171 7.48 23.97 7.11
N ASN B 172 8.60 23.30 6.89
CA ASN B 172 8.74 22.44 5.72
C ASN B 172 9.85 21.42 5.98
N SER B 173 9.98 20.48 5.04
CA SER B 173 10.92 19.38 5.24
C SER B 173 12.37 19.84 5.20
N ASP B 174 12.71 20.76 4.27
CA ASP B 174 14.09 21.25 4.23
C ASP B 174 14.49 21.90 5.55
N GLU B 175 13.59 22.68 6.16
CA GLU B 175 13.90 23.28 7.45
C GLU B 175 14.11 22.18 8.50
N GLY B 176 13.26 21.16 8.47
CA GLY B 176 13.40 20.06 9.42
C GLY B 176 14.71 19.31 9.23
N ILE B 177 15.08 19.05 7.97
CA ILE B 177 16.35 18.37 7.71
C ILE B 177 17.51 19.17 8.25
N GLN B 178 17.52 20.49 8.02
CA GLN B 178 18.62 21.30 8.53
CA GLN B 178 18.61 21.29 8.53
C GLN B 178 18.62 21.31 10.06
N ARG B 179 17.44 21.25 10.67
CA ARG B 179 17.38 21.22 12.13
C ARG B 179 17.97 19.93 12.67
N VAL B 180 17.67 18.80 12.03
CA VAL B 180 18.25 17.52 12.44
C VAL B 180 19.77 17.57 12.34
N LEU B 181 20.27 18.13 11.23
CA LEU B 181 21.72 18.17 11.01
C LEU B 181 22.43 19.06 12.02
N THR B 182 21.81 20.17 12.44
CA THR B 182 22.52 21.17 13.22
C THR B 182 22.31 21.06 14.73
N THR B 183 21.16 20.57 15.17
CA THR B 183 20.78 20.57 16.57
C THR B 183 20.45 19.14 17.00
N ASP B 184 20.12 18.98 18.28
CA ASP B 184 19.71 17.66 18.81
C ASP B 184 18.20 17.54 18.59
N TYR B 185 17.84 17.18 17.36
CA TYR B 185 16.46 17.20 16.91
C TYR B 185 16.20 15.99 16.01
N ALA B 186 15.03 15.37 16.21
CA ALA B 186 14.55 14.29 15.37
C ALA B 186 13.28 14.72 14.66
N LEU B 187 13.19 14.42 13.37
CA LEU B 187 12.05 14.82 12.54
C LEU B 187 11.18 13.61 12.25
N LEU B 188 9.89 13.71 12.57
CA LEU B 188 8.89 12.73 12.15
C LEU B 188 8.52 13.02 10.70
N MET B 189 8.78 12.07 9.80
CA MET B 189 8.78 12.32 8.36
C MET B 189 8.32 11.08 7.61
N GLU B 190 7.70 11.30 6.46
CA GLU B 190 7.23 10.18 5.64
C GLU B 190 8.44 9.42 5.10
N SER B 191 8.35 8.09 5.16
CA SER B 191 9.51 7.24 4.92
C SER B 191 10.10 7.42 3.52
N THR B 192 9.25 7.74 2.55
CA THR B 192 9.75 8.00 1.19
C THR B 192 10.70 9.20 1.16
N SER B 193 10.38 10.25 1.91
CA SER B 193 11.30 11.38 1.99
C SER B 193 12.55 11.04 2.79
N ILE B 194 12.40 10.26 3.87
CA ILE B 194 13.58 9.83 4.61
C ILE B 194 14.54 9.06 3.71
N GLU B 195 14.00 8.16 2.88
CA GLU B 195 14.85 7.38 2.00
C GLU B 195 15.57 8.29 1.02
N TYR B 196 14.88 9.29 0.51
CA TYR B 196 15.50 10.23 -0.40
C TYR B 196 16.66 10.96 0.27
N VAL B 197 16.46 11.42 1.50
CA VAL B 197 17.47 12.20 2.21
C VAL B 197 18.66 11.32 2.60
N THR B 198 18.40 10.14 3.16
CA THR B 198 19.49 9.32 3.66
C THR B 198 20.30 8.70 2.53
N GLN B 199 19.72 8.57 1.35
CA GLN B 199 20.47 8.20 0.16
C GLN B 199 21.55 9.21 -0.17
N ARG B 200 21.40 10.46 0.31
CA ARG B 200 22.25 11.57 -0.07
C ARG B 200 23.08 12.12 1.07
N ASN B 201 22.58 12.07 2.30
CA ASN B 201 23.29 12.59 3.45
C ASN B 201 23.60 11.44 4.40
N CYS B 202 24.87 11.04 4.44
CA CYS B 202 25.29 9.89 5.24
C CYS B 202 25.42 10.20 6.73
N ASN B 203 25.17 11.44 7.15
CA ASN B 203 25.07 11.74 8.56
C ASN B 203 23.70 11.40 9.15
N LEU B 204 22.70 11.14 8.30
CA LEU B 204 21.34 10.92 8.76
C LEU B 204 20.90 9.49 8.51
N THR B 205 19.96 9.03 9.33
CA THR B 205 19.42 7.69 9.18
C THR B 205 17.96 7.69 9.61
N GLN B 206 17.26 6.65 9.21
CA GLN B 206 15.93 6.38 9.75
C GLN B 206 16.07 5.65 11.08
N ILE B 207 15.27 6.06 12.06
CA ILE B 207 15.24 5.43 13.37
C ILE B 207 13.99 4.58 13.46
N GLY B 208 14.15 3.29 13.77
CA GLY B 208 13.03 2.42 13.92
C GLY B 208 12.40 2.11 12.57
N GLY B 209 11.20 1.55 12.65
CA GLY B 209 10.43 1.19 11.49
C GLY B 209 9.32 2.17 11.20
N LEU B 210 8.32 1.71 10.45
CA LEU B 210 7.21 2.57 10.05
C LEU B 210 6.15 2.56 11.15
N ILE B 211 5.71 3.74 11.55
CA ILE B 211 4.70 3.86 12.59
C ILE B 211 3.30 3.54 12.06
N ASP B 212 3.03 3.82 10.80
CA ASP B 212 1.74 3.52 10.20
C ASP B 212 2.00 3.06 8.75
N SER B 213 0.93 2.87 8.00
CA SER B 213 1.00 2.35 6.65
C SER B 213 -0.03 3.06 5.79
N LYS B 214 0.42 3.76 4.76
CA LYS B 214 -0.48 4.50 3.88
C LYS B 214 0.19 4.70 2.54
N GLY B 215 -0.42 5.52 1.69
CA GLY B 215 0.12 5.75 0.37
C GLY B 215 -0.26 7.10 -0.18
N TYR B 216 0.40 7.44 -1.27
CA TYR B 216 0.08 8.62 -2.06
C TYR B 216 -0.86 8.20 -3.19
N GLY B 217 -1.91 8.99 -3.41
CA GLY B 217 -2.84 8.71 -4.49
C GLY B 217 -3.06 9.96 -5.34
N VAL B 218 -3.50 9.72 -6.56
CA VAL B 218 -3.90 10.83 -7.43
C VAL B 218 -5.26 11.32 -6.96
N GLY B 219 -5.38 12.63 -6.73
CA GLY B 219 -6.67 13.18 -6.32
C GLY B 219 -7.54 13.55 -7.51
N THR B 220 -8.84 13.29 -7.37
CA THR B 220 -9.82 13.80 -8.32
C THR B 220 -11.02 14.32 -7.54
N PRO B 221 -11.85 15.16 -8.14
CA PRO B 221 -13.06 15.61 -7.45
C PRO B 221 -14.02 14.44 -7.24
N ILE B 222 -14.81 14.52 -6.17
CA ILE B 222 -15.86 13.53 -5.96
C ILE B 222 -16.69 13.41 -7.22
N GLY B 223 -16.97 12.17 -7.64
CA GLY B 223 -17.76 11.91 -8.83
C GLY B 223 -16.98 11.87 -10.12
N SER B 224 -15.67 12.11 -10.07
CA SER B 224 -14.91 12.23 -11.30
C SER B 224 -14.91 10.91 -12.07
N PRO B 225 -15.18 10.94 -13.38
CA PRO B 225 -15.07 9.70 -14.16
C PRO B 225 -13.64 9.26 -14.38
N TYR B 226 -12.65 10.08 -14.00
CA TYR B 226 -11.27 9.70 -14.24
C TYR B 226 -10.68 8.86 -13.13
N ARG B 227 -11.27 8.88 -11.93
CA ARG B 227 -10.64 8.19 -10.81
C ARG B 227 -10.48 6.70 -11.08
N ASP B 228 -11.55 6.05 -11.54
CA ASP B 228 -11.45 4.60 -11.79
C ASP B 228 -10.48 4.32 -12.92
N LYS B 229 -10.46 5.16 -13.97
CA LYS B 229 -9.53 4.95 -15.06
C LYS B 229 -8.09 5.12 -14.60
N ILE B 230 -7.83 6.11 -13.74
CA ILE B 230 -6.48 6.35 -13.24
CA ILE B 230 -6.48 6.35 -13.24
C ILE B 230 -6.05 5.19 -12.35
N THR B 231 -6.97 4.68 -11.53
CA THR B 231 -6.65 3.52 -10.70
C THR B 231 -6.17 2.35 -11.57
N ILE B 232 -6.91 2.05 -12.63
CA ILE B 232 -6.58 0.90 -13.47
C ILE B 232 -5.24 1.13 -14.15
N ALA B 233 -4.95 2.38 -14.54
CA ALA B 233 -3.67 2.68 -15.15
C ALA B 233 -2.53 2.52 -14.16
N ILE B 234 -2.74 2.96 -12.91
CA ILE B 234 -1.72 2.78 -11.87
C ILE B 234 -1.46 1.30 -11.63
N LEU B 235 -2.51 0.49 -11.56
CA LEU B 235 -2.31 -0.94 -11.36
C LEU B 235 -1.50 -1.55 -12.51
N GLN B 236 -1.80 -1.13 -13.75
CA GLN B 236 -1.05 -1.62 -14.89
C GLN B 236 0.41 -1.24 -14.80
N LEU B 237 0.68 0.01 -14.45
CA LEU B 237 2.06 0.49 -14.36
C LEU B 237 2.83 -0.22 -13.24
N GLN B 238 2.17 -0.52 -12.13
CA GLN B 238 2.82 -1.27 -11.05
C GLN B 238 3.19 -2.67 -11.50
N GLU B 239 2.24 -3.39 -12.14
CA GLU B 239 2.46 -4.76 -12.53
C GLU B 239 3.51 -4.87 -13.62
N GLU B 240 3.66 -3.83 -14.43
CA GLU B 240 4.68 -3.82 -15.47
C GLU B 240 6.05 -3.42 -14.95
N GLY B 241 6.17 -3.09 -13.66
CA GLY B 241 7.44 -2.70 -13.10
C GLY B 241 7.82 -1.26 -13.37
N LYS B 242 6.95 -0.50 -14.02
CA LYS B 242 7.30 0.88 -14.39
C LYS B 242 7.33 1.81 -13.19
N LEU B 243 6.43 1.62 -12.22
CA LEU B 243 6.47 2.44 -11.01
C LEU B 243 7.78 2.23 -10.25
N HIS B 244 8.24 0.99 -10.19
CA HIS B 244 9.51 0.70 -9.52
C HIS B 244 10.67 1.37 -10.25
N MET B 245 10.67 1.31 -11.59
CA MET B 245 11.72 1.96 -12.37
C MET B 245 11.72 3.47 -12.15
N MET B 246 10.53 4.07 -12.09
CA MET B 246 10.42 5.52 -11.86
C MET B 246 10.95 5.91 -10.48
N LYS B 247 10.64 5.11 -9.47
CA LYS B 247 11.18 5.40 -8.14
C LYS B 247 12.69 5.30 -8.15
N GLU B 248 13.23 4.22 -8.72
CA GLU B 248 14.69 4.09 -8.80
C GLU B 248 15.31 5.28 -9.52
N LYS B 249 14.70 5.72 -10.62
CA LYS B 249 15.26 6.84 -11.38
C LYS B 249 15.47 8.07 -10.50
N TRP B 250 14.47 8.44 -9.72
CA TRP B 250 14.50 9.68 -8.97
C TRP B 250 15.05 9.55 -7.56
N TRP B 251 15.01 8.36 -6.95
CA TRP B 251 15.47 8.25 -5.57
C TRP B 251 16.94 7.88 -5.45
N ARG B 252 17.48 7.18 -6.44
CA ARG B 252 18.79 6.59 -6.28
C ARG B 252 19.83 7.69 -6.06
N GLY B 253 20.50 7.64 -4.90
CA GLY B 253 21.70 8.39 -4.66
C GLY B 253 22.90 7.47 -4.55
N ASN B 254 24.03 8.04 -4.11
CA ASN B 254 25.23 7.23 -3.95
C ASN B 254 25.11 6.20 -2.85
N GLY B 255 24.22 6.40 -1.87
CA GLY B 255 24.14 5.52 -0.73
C GLY B 255 25.24 5.80 0.27
N CYS B 256 25.25 5.02 1.35
CA CYS B 256 26.11 5.31 2.48
C CYS B 256 26.64 4.04 3.09
N PRO B 257 27.88 4.08 3.62
CA PRO B 257 28.42 2.91 4.31
C PRO B 257 27.66 2.59 5.60
N KAI C . -4.02 -13.93 -2.88
CD KAI C . -4.44 -15.21 -2.10
CD1 KAI C . -4.12 -18.08 -1.41
CD2 KAI C . -4.44 -18.81 -3.78
CA KAI C . -3.76 -14.34 -4.32
CB KAI C . -3.42 -15.86 -4.22
CB1 KAI C . -1.98 -16.14 -3.76
CG KAI C . -4.48 -16.30 -3.18
CG1 KAI C . -0.94 -16.10 -4.90
CG2 KAI C . -4.34 -17.76 -2.70
C KAI C . -4.89 -13.90 -5.26
O KAI C . -4.86 -14.27 -6.46
OD1 KAI C . 0.25 -16.14 -4.56
OD2 KAI C . -1.34 -16.05 -6.08
OXT KAI C . -5.81 -13.18 -4.81
S SO4 D . -28.52 -0.88 0.42
O1 SO4 D . -28.87 -1.30 1.77
O2 SO4 D . -28.00 -2.04 -0.33
O3 SO4 D . -27.48 0.14 0.48
O4 SO4 D . -29.69 -0.34 -0.25
CL CL E . -24.23 -9.48 11.38
CL CL F . -10.20 3.39 -4.58
CL CL G . 11.51 -5.40 0.13
CL CL H . -17.90 -13.84 -16.25
CL CL I . 21.94 -25.02 -13.87
CL CL J . -11.97 -27.60 -8.04
C1 GOL K . 15.25 -6.30 -17.00
O1 GOL K . 15.58 -5.31 -16.06
C2 GOL K . 14.66 -5.59 -18.23
O2 GOL K . 13.96 -6.48 -19.03
C3 GOL K . 13.76 -4.47 -17.64
O3 GOL K . 12.85 -4.10 -18.65
C1 GOL L . -1.05 -21.62 6.10
O1 GOL L . -2.16 -22.51 5.95
C2 GOL L . -0.60 -21.25 4.69
O2 GOL L . -1.25 -22.05 3.74
C3 GOL L . -0.94 -19.75 4.55
O3 GOL L . -0.52 -19.34 3.26
C1 GOL M . -2.42 0.22 -5.42
O1 GOL M . -1.78 0.04 -6.59
C2 GOL M . -2.84 -1.05 -4.78
O2 GOL M . -3.98 -0.76 -3.98
C3 GOL M . -3.21 -2.14 -5.80
O3 GOL M . -2.68 -3.43 -5.38
C1 GOL N . 1.92 -18.49 -21.26
O1 GOL N . 1.76 -17.28 -21.96
C2 GOL N . 3.05 -19.25 -21.97
O2 GOL N . 4.08 -18.39 -22.36
C3 GOL N . 3.54 -20.32 -20.97
O3 GOL N . 4.94 -20.44 -21.16
C1 9TE O . 0.85 1.73 -2.42
C2 9TE O . 0.08 1.38 -1.30
C3 9TE O . -0.50 0.11 -1.28
C5 9TE O . 0.43 -0.43 -3.48
C7 9TE O . 1.94 0.63 -5.73
C8 9TE O . -0.85 2.07 0.75
C9 9TE O . -2.12 2.61 0.77
C10 9TE O . -2.98 2.32 1.84
C12 9TE O . -1.31 0.98 2.84
C13 9TE O . -0.44 1.26 1.78
C14 9TE O . -4.77 1.80 4.09
C15 9TE O . -3.04 0.41 5.13
C16 9TE O . -3.93 -0.71 5.59
C17 9TE O . -2.74 -1.01 4.72
C4 9TE O . -0.34 -0.80 -2.35
C6 9TE O . 1.04 0.88 -3.49
O1 9TE O . 0.00 2.33 -0.29
O2 9TE O . 1.83 1.40 -4.51
C11 9TE O . -2.58 1.50 2.90
S1 9TE O . -4.59 3.02 1.75
N1 9TE O . -5.48 2.07 2.82
N2 9TE O . -3.43 1.22 3.97
O3 9TE O . -5.05 2.89 0.37
O4 9TE O . -4.49 4.44 2.26
N KAI P . 2.75 14.35 2.31
CD KAI P . 3.74 15.42 1.76
CD1 KAI P . 5.76 17.60 2.10
CD2 KAI P . 4.24 18.85 3.66
CA KAI P . 2.07 14.92 3.56
CB KAI P . 3.07 16.01 4.03
CB1 KAI P . 4.30 15.45 4.79
CG KAI P . 3.47 16.63 2.66
CG1 KAI P . 4.08 15.18 6.28
CG2 KAI P . 4.58 17.67 2.76
C KAI P . 0.63 15.31 3.25
O KAI P . 0.13 15.02 2.13
OD1 KAI P . 3.02 15.58 6.81
OD2 KAI P . 4.98 14.53 6.89
OXT KAI P . -0.02 15.90 4.15
S SO4 Q . 14.59 26.89 21.52
O1 SO4 Q . 14.98 25.55 21.08
O2 SO4 Q . 14.14 26.81 22.91
O3 SO4 Q . 13.51 27.39 20.67
O4 SO4 Q . 15.72 27.82 21.42
S SO4 R . 16.73 23.34 -23.05
O1 SO4 R . 17.45 22.56 -22.05
O2 SO4 R . 15.95 22.44 -23.90
O3 SO4 R . 15.83 24.28 -22.39
O4 SO4 R . 17.69 24.07 -23.88
S SO4 S . 0.60 29.19 -14.39
O1 SO4 S . 0.79 27.73 -14.54
O2 SO4 S . -0.41 29.44 -13.37
O3 SO4 S . 0.16 29.76 -15.66
O4 SO4 S . 1.86 29.83 -14.01
CL CL T . 22.60 4.42 13.92
CL CL U . -0.19 17.27 -22.77
#